data_7W11
#
_entry.id   7W11
#
_cell.length_a   50.753
_cell.length_b   76.533
_cell.length_c   63.210
_cell.angle_alpha   90.000
_cell.angle_beta   97.194
_cell.angle_gamma   90.000
#
_symmetry.space_group_name_H-M   'P 1 21 1'
#
loop_
_entity.id
_entity.type
_entity.pdbx_description
1 polymer Glycosyltransferase
2 non-polymer "URIDINE-5'-DIPHOSPHATE"
3 non-polymer alpha-D-glucopyranose
4 non-polymer DIGITOXIGENIN
5 water water
#
_entity_poly.entity_id   1
_entity_poly.type   'polypeptide(L)'
_entity_poly.pdbx_seq_one_letter_code
;GSHMGTIEISSPSKTHILAFPFPEKGHINPMLHLCNRLASKGFRVTLITTISTYKDVKNKIKCKSKGGLINLESIPDGTD
KNLGMNGYFNQFKNSVTESVAGIIEEYKLGHDFPPPKVLIYDSTMPWMLDVAHGHGILGASLFTQPCCVSVVYYHMLQGT
IDFHREQSSSSKVLLLPCLPPLEDRDLPEFDYFKEDSGFVSNLLLNQFLNIDKIDYVLFNTFEMLESEIANWMSNKWKIL
TIGPTAPTAAAAAAANNYLFETNTEVCMKWLDEREPNSVIYVSFGSIASLTEQQMEEISQALFTTNFNFLWVVREEERTK
LPNCLNNNNNNNNNPSSESFTTAAGKLGLIINWCPQLDVLRHESVACFMTHCGWNSTLEAISSGVPMICVPQWVDQTTNA
KFIQDVWKIGVRVNNNNGENGGLVKKEEIERCIKEVCESEKGKELKRNAMKWKDLSKEAVSEGGSSDTNLEYFASTLLFY
;
_entity_poly.pdbx_strand_id   A
#
# COMPACT_ATOMS: atom_id res chain seq x y z
N MET A 4 -18.94 46.84 16.57
CA MET A 4 -19.63 46.66 15.30
C MET A 4 -18.65 46.18 14.20
N GLY A 5 -19.05 45.20 13.38
CA GLY A 5 -18.18 44.61 12.36
C GLY A 5 -18.55 43.16 12.11
N THR A 6 -17.74 42.49 11.28
CA THR A 6 -18.05 41.12 10.88
C THR A 6 -16.87 40.17 11.10
N ILE A 7 -17.21 38.92 11.45
CA ILE A 7 -16.25 37.88 11.79
C ILE A 7 -16.34 36.77 10.75
N GLU A 8 -15.19 36.22 10.34
CA GLU A 8 -15.16 35.06 9.45
C GLU A 8 -14.48 33.89 10.14
N ILE A 9 -15.10 32.73 10.04
CA ILE A 9 -14.57 31.51 10.63
C ILE A 9 -14.22 30.51 9.54
N SER A 10 -12.98 30.01 9.57
CA SER A 10 -12.56 28.90 8.73
C SER A 10 -12.58 27.63 9.57
N SER A 11 -13.55 26.77 9.30
CA SER A 11 -13.66 25.46 9.94
C SER A 11 -13.48 24.33 8.92
N PRO A 12 -13.29 23.10 9.36
CA PRO A 12 -13.21 22.00 8.39
C PRO A 12 -14.50 21.84 7.59
N SER A 13 -15.65 22.07 8.20
CA SER A 13 -16.91 21.87 7.48
C SER A 13 -17.03 22.76 6.26
N LYS A 14 -16.33 23.88 6.22
CA LYS A 14 -16.38 24.76 5.06
C LYS A 14 -15.17 24.61 4.14
N THR A 15 -14.32 23.62 4.40
CA THR A 15 -13.13 23.38 3.60
C THR A 15 -13.35 22.14 2.75
N HIS A 16 -13.05 22.23 1.47
CA HIS A 16 -13.37 21.16 0.54
C HIS A 16 -12.10 20.51 0.00
N ILE A 17 -11.93 19.23 0.31
CA ILE A 17 -10.75 18.46 -0.08
C ILE A 17 -11.12 17.52 -1.23
N LEU A 18 -10.38 17.61 -2.32
CA LEU A 18 -10.46 16.66 -3.43
C LEU A 18 -9.36 15.61 -3.29
N ALA A 19 -9.67 14.36 -3.63
CA ALA A 19 -8.72 13.26 -3.63
C ALA A 19 -8.82 12.50 -4.94
N PHE A 20 -7.68 12.15 -5.52
CA PHE A 20 -7.64 11.46 -6.81
C PHE A 20 -6.51 10.44 -6.83
N PRO A 21 -6.80 9.19 -6.50
CA PRO A 21 -5.74 8.17 -6.48
C PRO A 21 -5.53 7.59 -7.87
N PHE A 22 -4.36 6.99 -8.05
CA PHE A 22 -4.17 6.19 -9.24
C PHE A 22 -5.09 4.97 -9.16
N PRO A 23 -5.70 4.58 -10.28
CA PRO A 23 -6.72 3.47 -10.24
C PRO A 23 -6.15 2.05 -10.09
N GLU A 24 -5.73 1.72 -8.87
CA GLU A 24 -5.16 0.43 -8.53
C GLU A 24 -5.26 0.29 -7.02
N LYS A 25 -5.61 -0.91 -6.54
CA LYS A 25 -6.10 -1.08 -5.18
C LYS A 25 -5.08 -0.63 -4.14
N GLY A 26 -3.79 -0.90 -4.36
CA GLY A 26 -2.76 -0.38 -3.47
C GLY A 26 -2.55 1.13 -3.53
N HIS A 27 -3.20 1.81 -4.48
CA HIS A 27 -3.27 3.26 -4.43
C HIS A 27 -4.63 3.78 -3.97
N ILE A 28 -5.71 3.15 -4.43
CA ILE A 28 -7.04 3.54 -3.98
C ILE A 28 -7.19 3.34 -2.48
N ASN A 29 -6.76 2.17 -1.96
CA ASN A 29 -7.06 1.85 -0.57
C ASN A 29 -6.52 2.89 0.41
N PRO A 30 -5.25 3.30 0.35
CA PRO A 30 -4.74 4.20 1.40
C PRO A 30 -5.27 5.61 1.25
N MET A 31 -5.51 6.07 0.02
CA MET A 31 -6.23 7.33 -0.20
C MET A 31 -7.57 7.30 0.51
N LEU A 32 -8.35 6.25 0.26
CA LEU A 32 -9.70 6.15 0.80
C LEU A 32 -9.69 6.20 2.33
N HIS A 33 -8.79 5.45 2.97
CA HIS A 33 -8.67 5.53 4.41
C HIS A 33 -8.37 6.97 4.88
N LEU A 34 -7.48 7.65 4.15
CA LEU A 34 -7.13 9.00 4.53
C LEU A 34 -8.32 9.94 4.34
N CYS A 35 -9.18 9.68 3.34
CA CYS A 35 -10.37 10.48 3.16
C CYS A 35 -11.34 10.28 4.31
N ASN A 36 -11.49 9.05 4.80
CA ASN A 36 -12.34 8.82 5.97
C ASN A 36 -11.82 9.56 7.19
N ARG A 37 -10.52 9.44 7.46
CA ARG A 37 -9.94 10.17 8.59
C ARG A 37 -10.17 11.66 8.45
N LEU A 38 -9.99 12.21 7.26
CA LEU A 38 -10.23 13.64 7.06
C LEU A 38 -11.71 13.98 7.23
N ALA A 39 -12.60 13.16 6.67
CA ALA A 39 -14.02 13.37 6.94
C ALA A 39 -14.33 13.24 8.42
N SER A 40 -13.73 12.24 9.08
CA SER A 40 -13.92 12.14 10.52
C SER A 40 -13.51 13.43 11.23
N LYS A 41 -12.62 14.21 10.63
CA LYS A 41 -12.19 15.47 11.20
C LYS A 41 -13.07 16.65 10.79
N GLY A 42 -14.18 16.39 10.09
CA GLY A 42 -15.13 17.42 9.75
C GLY A 42 -15.01 18.04 8.38
N PHE A 43 -14.01 17.68 7.58
CA PHE A 43 -13.92 18.32 6.27
C PHE A 43 -14.93 17.73 5.29
N ARG A 44 -15.25 18.50 4.25
CA ARG A 44 -15.93 17.95 3.10
C ARG A 44 -14.87 17.34 2.19
N VAL A 45 -14.99 16.04 1.91
CA VAL A 45 -14.00 15.30 1.13
C VAL A 45 -14.70 14.71 -0.10
N THR A 46 -14.19 15.02 -1.28
CA THR A 46 -14.67 14.41 -2.51
C THR A 46 -13.60 13.49 -3.07
N LEU A 47 -13.91 12.21 -3.19
CA LEU A 47 -13.01 11.25 -3.80
C LEU A 47 -13.35 11.17 -5.29
N ILE A 48 -12.41 11.58 -6.13
CA ILE A 48 -12.53 11.43 -7.58
C ILE A 48 -11.93 10.10 -7.95
N THR A 49 -12.58 9.38 -8.86
CA THR A 49 -12.09 8.06 -9.21
C THR A 49 -12.64 7.67 -10.57
N THR A 50 -11.89 6.83 -11.29
CA THR A 50 -12.32 6.41 -12.61
C THR A 50 -13.62 5.64 -12.53
N ILE A 51 -14.37 5.66 -13.64
CA ILE A 51 -15.71 5.07 -13.66
C ILE A 51 -15.65 3.57 -13.37
N SER A 52 -14.62 2.87 -13.85
CA SER A 52 -14.53 1.45 -13.58
C SER A 52 -14.24 1.18 -12.12
N THR A 53 -13.30 1.92 -11.53
CA THR A 53 -13.02 1.75 -10.11
C THR A 53 -14.18 2.25 -9.26
N TYR A 54 -14.96 3.18 -9.82
CA TYR A 54 -16.10 3.75 -9.10
C TYR A 54 -16.99 2.66 -8.53
N LYS A 55 -17.34 1.67 -9.35
CA LYS A 55 -18.18 0.56 -8.88
C LYS A 55 -17.56 -0.13 -7.67
N ASP A 56 -16.45 -0.86 -7.86
CA ASP A 56 -15.81 -1.50 -6.72
C ASP A 56 -15.79 -0.55 -5.52
N VAL A 57 -15.17 0.62 -5.68
CA VAL A 57 -15.14 1.62 -4.59
C VAL A 57 -16.56 1.88 -4.07
N LYS A 58 -17.47 2.29 -4.95
CA LYS A 58 -18.81 2.67 -4.55
C LYS A 58 -19.37 1.75 -3.45
N ASN A 59 -19.06 0.46 -3.48
CA ASN A 59 -19.38 -0.42 -2.35
C ASN A 59 -18.27 -0.41 -1.31
N LEU A 69 -19.29 10.27 6.26
CA LEU A 69 -19.69 10.40 4.85
C LEU A 69 -18.51 10.87 4.04
N ILE A 70 -18.60 10.64 2.73
CA ILE A 70 -17.54 10.96 1.79
C ILE A 70 -18.18 11.13 0.42
N ASN A 71 -18.05 12.30 -0.18
CA ASN A 71 -18.55 12.50 -1.52
C ASN A 71 -17.77 11.62 -2.51
N LEU A 72 -18.45 11.15 -3.57
CA LEU A 72 -17.82 10.34 -4.60
C LEU A 72 -18.12 10.91 -5.97
N GLU A 73 -17.08 11.21 -6.74
CA GLU A 73 -17.21 11.62 -8.13
C GLU A 73 -16.51 10.61 -9.05
N SER A 74 -17.11 10.38 -10.20
CA SER A 74 -16.53 9.51 -11.21
C SER A 74 -16.05 10.35 -12.39
N ILE A 75 -15.01 9.85 -13.05
CA ILE A 75 -14.51 10.43 -14.28
C ILE A 75 -14.38 9.31 -15.30
N PRO A 76 -14.27 9.65 -16.58
CA PRO A 76 -14.07 8.60 -17.59
C PRO A 76 -12.73 7.89 -17.37
N ASP A 77 -12.76 6.55 -17.47
CA ASP A 77 -11.54 5.76 -17.33
C ASP A 77 -10.45 6.23 -18.29
N GLY A 78 -10.85 6.85 -19.41
CA GLY A 78 -9.93 7.47 -20.35
C GLY A 78 -8.82 6.55 -20.80
N THR A 79 -9.17 5.38 -21.31
CA THR A 79 -8.16 4.42 -21.72
C THR A 79 -8.82 3.35 -22.58
N ASP A 80 -8.45 3.30 -23.87
CA ASP A 80 -8.85 2.19 -24.72
C ASP A 80 -8.39 0.87 -24.12
N LYS A 81 -9.11 -0.21 -24.46
CA LYS A 81 -8.77 -1.52 -23.93
C LYS A 81 -7.77 -2.22 -24.85
N GLY A 84 -0.81 -1.64 -24.33
CA GLY A 84 0.46 -1.75 -23.63
C GLY A 84 0.57 -0.73 -22.54
N MET A 85 1.52 -0.92 -21.62
CA MET A 85 1.60 -0.04 -20.45
C MET A 85 1.65 1.42 -20.88
N ASN A 86 2.36 1.71 -21.98
CA ASN A 86 2.71 3.08 -22.30
C ASN A 86 1.56 3.82 -22.93
N GLY A 87 0.98 3.26 -23.99
CA GLY A 87 -0.19 3.86 -24.59
C GLY A 87 -1.31 4.02 -23.60
N TYR A 88 -1.50 3.04 -22.72
CA TYR A 88 -2.51 3.16 -21.68
C TYR A 88 -2.23 4.37 -20.81
N PHE A 89 -0.96 4.59 -20.48
CA PHE A 89 -0.65 5.64 -19.52
C PHE A 89 -0.76 7.04 -20.12
N ASN A 90 -0.34 7.22 -21.38
CA ASN A 90 -0.38 8.55 -21.97
C ASN A 90 -1.81 8.98 -22.22
N GLN A 91 -2.64 8.06 -22.72
CA GLN A 91 -4.08 8.30 -22.80
C GLN A 91 -4.65 8.64 -21.42
N PHE A 92 -4.23 7.88 -20.40
CA PHE A 92 -4.70 8.13 -19.05
C PHE A 92 -4.28 9.52 -18.57
N LYS A 93 -2.98 9.80 -18.62
CA LYS A 93 -2.51 11.14 -18.25
C LYS A 93 -3.33 12.22 -18.95
N ASN A 94 -3.52 12.09 -20.27
CA ASN A 94 -4.24 13.10 -21.04
C ASN A 94 -5.67 13.26 -20.57
N SER A 95 -6.39 12.14 -20.46
CA SER A 95 -7.81 12.21 -20.12
C SER A 95 -8.03 12.75 -18.72
N VAL A 96 -7.38 12.16 -17.71
CA VAL A 96 -7.68 12.56 -16.34
C VAL A 96 -7.14 13.94 -16.04
N THR A 97 -6.19 14.44 -16.82
CA THR A 97 -5.80 15.84 -16.68
C THR A 97 -6.96 16.76 -16.99
N GLU A 98 -7.69 16.46 -18.07
CA GLU A 98 -8.81 17.29 -18.49
C GLU A 98 -9.98 17.16 -17.54
N SER A 99 -10.40 15.92 -17.24
CA SER A 99 -11.64 15.75 -16.50
C SER A 99 -11.49 16.16 -15.04
N VAL A 100 -10.31 16.01 -14.45
CA VAL A 100 -10.15 16.49 -13.08
C VAL A 100 -10.14 18.02 -13.07
N ALA A 101 -9.41 18.63 -14.02
CA ALA A 101 -9.47 20.08 -14.13
C ALA A 101 -10.89 20.58 -14.30
N GLY A 102 -11.72 19.81 -15.01
CA GLY A 102 -13.11 20.20 -15.16
C GLY A 102 -13.87 20.10 -13.85
N ILE A 103 -13.57 19.08 -13.04
CA ILE A 103 -14.27 18.92 -11.77
C ILE A 103 -13.93 20.08 -10.85
N ILE A 104 -12.66 20.46 -10.78
CA ILE A 104 -12.26 21.58 -9.93
C ILE A 104 -13.06 22.82 -10.28
N GLU A 105 -13.22 23.09 -11.59
CA GLU A 105 -13.94 24.27 -12.02
C GLU A 105 -15.43 24.15 -11.73
N GLU A 106 -16.00 22.95 -11.91
CA GLU A 106 -17.38 22.67 -11.50
C GLU A 106 -17.63 23.15 -10.07
N TYR A 107 -16.76 22.77 -9.13
CA TYR A 107 -16.97 23.07 -7.72
C TYR A 107 -16.68 24.53 -7.38
N LYS A 108 -15.79 25.18 -8.13
CA LYS A 108 -15.52 26.58 -7.87
C LYS A 108 -16.75 27.46 -8.12
N LEU A 109 -17.67 27.02 -8.97
CA LEU A 109 -18.90 27.76 -9.22
C LEU A 109 -20.11 27.19 -8.48
N GLY A 110 -20.02 25.94 -8.01
CA GLY A 110 -21.13 25.29 -7.35
C GLY A 110 -21.69 26.12 -6.21
N HIS A 111 -22.89 25.80 -5.78
CA HIS A 111 -23.50 26.45 -4.64
C HIS A 111 -23.61 25.54 -3.42
N ASP A 112 -23.76 24.24 -3.63
CA ASP A 112 -23.90 23.32 -2.49
C ASP A 112 -22.60 23.27 -1.70
N PHE A 113 -21.61 22.56 -2.24
CA PHE A 113 -20.34 22.36 -1.56
C PHE A 113 -19.50 23.64 -1.53
N PRO A 114 -18.52 23.72 -0.63
CA PRO A 114 -17.54 24.81 -0.70
C PRO A 114 -16.59 24.59 -1.86
N PRO A 115 -15.99 25.65 -2.39
CA PRO A 115 -15.00 25.47 -3.42
C PRO A 115 -13.82 24.70 -2.86
N PRO A 116 -13.05 24.02 -3.70
CA PRO A 116 -11.99 23.14 -3.20
C PRO A 116 -10.75 23.93 -2.84
N LYS A 117 -10.15 23.57 -1.70
CA LYS A 117 -8.92 24.19 -1.22
C LYS A 117 -7.66 23.46 -1.67
N VAL A 118 -7.75 22.14 -1.88
CA VAL A 118 -6.56 21.31 -2.07
C VAL A 118 -6.96 20.07 -2.84
N LEU A 119 -6.10 19.66 -3.77
CA LEU A 119 -6.19 18.34 -4.40
C LEU A 119 -5.12 17.45 -3.79
N ILE A 120 -5.55 16.32 -3.21
CA ILE A 120 -4.64 15.23 -2.87
C ILE A 120 -4.60 14.28 -4.04
N TYR A 121 -3.44 14.13 -4.64
CA TYR A 121 -3.28 13.27 -5.80
C TYR A 121 -2.19 12.24 -5.49
N ASP A 122 -2.35 11.07 -6.07
CA ASP A 122 -1.31 10.06 -5.99
C ASP A 122 0.00 10.60 -6.52
N SER A 123 1.09 10.28 -5.81
CA SER A 123 2.40 10.81 -6.19
C SER A 123 2.91 10.28 -7.53
N THR A 124 2.27 9.28 -8.13
CA THR A 124 2.77 8.87 -9.43
C THR A 124 2.22 9.73 -10.55
N MET A 125 1.34 10.68 -10.22
CA MET A 125 0.82 11.64 -11.20
C MET A 125 1.27 13.04 -10.81
N PRO A 126 2.57 13.33 -10.92
CA PRO A 126 3.08 14.66 -10.56
C PRO A 126 2.53 15.78 -11.41
N TRP A 127 2.03 15.49 -12.60
CA TRP A 127 1.47 16.57 -13.38
C TRP A 127 0.19 17.11 -12.77
N MET A 128 -0.43 16.39 -11.84
CA MET A 128 -1.61 16.93 -11.16
C MET A 128 -1.29 18.12 -10.28
N LEU A 129 -0.03 18.31 -9.87
CA LEU A 129 0.35 19.55 -9.21
C LEU A 129 0.10 20.74 -10.13
N ASP A 130 0.37 20.56 -11.42
CA ASP A 130 0.11 21.63 -12.39
C ASP A 130 -1.38 21.86 -12.57
N VAL A 131 -2.18 20.79 -12.63
CA VAL A 131 -3.63 20.96 -12.65
C VAL A 131 -4.08 21.77 -11.44
N ALA A 132 -3.71 21.34 -10.23
CA ALA A 132 -4.10 22.03 -9.01
C ALA A 132 -3.66 23.49 -9.02
N HIS A 133 -2.34 23.73 -9.09
CA HIS A 133 -1.85 25.09 -9.09
C HIS A 133 -2.46 25.89 -10.23
N GLY A 134 -2.46 25.32 -11.43
CA GLY A 134 -3.03 25.96 -12.61
C GLY A 134 -4.51 26.25 -12.49
N HIS A 135 -5.17 25.73 -11.45
CA HIS A 135 -6.54 26.10 -11.13
C HIS A 135 -6.62 26.79 -9.78
N GLY A 136 -5.48 27.25 -9.26
CA GLY A 136 -5.42 28.06 -8.07
C GLY A 136 -5.84 27.37 -6.79
N ILE A 137 -5.48 26.08 -6.62
CA ILE A 137 -5.67 25.41 -5.35
C ILE A 137 -4.37 24.70 -4.96
N LEU A 138 -4.28 24.33 -3.69
CA LEU A 138 -3.12 23.63 -3.18
C LEU A 138 -3.07 22.21 -3.75
N GLY A 139 -1.86 21.62 -3.73
CA GLY A 139 -1.63 20.28 -4.20
C GLY A 139 -0.87 19.46 -3.17
N ALA A 140 -1.44 18.32 -2.79
CA ALA A 140 -0.83 17.40 -1.81
C ALA A 140 -0.53 16.07 -2.50
N SER A 141 0.74 15.68 -2.51
CA SER A 141 1.16 14.43 -3.12
C SER A 141 1.16 13.32 -2.07
N LEU A 142 0.34 12.30 -2.29
CA LEU A 142 0.31 11.10 -1.44
C LEU A 142 1.26 10.04 -2.03
N PHE A 143 2.39 9.82 -1.36
CA PHE A 143 3.21 8.65 -1.64
C PHE A 143 2.59 7.45 -0.96
N THR A 144 2.38 6.38 -1.72
CA THR A 144 1.79 5.14 -1.22
C THR A 144 2.84 4.05 -1.00
N GLN A 145 4.08 4.44 -0.75
CA GLN A 145 5.18 3.52 -0.49
C GLN A 145 6.02 4.12 0.62
N PRO A 146 6.85 3.31 1.29
CA PRO A 146 7.55 3.80 2.47
C PRO A 146 8.60 4.85 2.11
N CYS A 147 9.17 5.44 3.14
CA CYS A 147 10.21 6.43 2.94
C CYS A 147 11.49 5.79 2.36
N CYS A 148 11.84 4.59 2.83
CA CYS A 148 13.14 4.02 2.48
C CYS A 148 13.23 3.71 1.00
N VAL A 149 12.16 3.15 0.40
CA VAL A 149 12.27 2.84 -1.02
C VAL A 149 12.08 4.12 -1.85
N SER A 150 11.28 5.07 -1.37
CA SER A 150 11.08 6.28 -2.15
C SER A 150 12.40 7.03 -2.34
N VAL A 151 13.23 7.04 -1.30
CA VAL A 151 14.52 7.72 -1.38
C VAL A 151 15.40 7.07 -2.43
N VAL A 152 15.33 5.74 -2.55
CA VAL A 152 16.05 5.08 -3.64
C VAL A 152 15.60 5.64 -4.99
N TYR A 153 14.29 5.73 -5.22
CA TYR A 153 13.80 6.30 -6.48
C TYR A 153 14.34 7.70 -6.70
N TYR A 154 14.39 8.51 -5.64
CA TYR A 154 14.91 9.85 -5.76
C TYR A 154 16.38 9.81 -6.18
N HIS A 155 17.18 8.98 -5.51
CA HIS A 155 18.59 8.88 -5.85
C HIS A 155 18.79 8.37 -7.28
N MET A 156 18.00 7.38 -7.72
CA MET A 156 18.07 7.00 -9.14
C MET A 156 17.71 8.17 -10.04
N LEU A 157 16.70 8.97 -9.65
CA LEU A 157 16.36 10.12 -10.46
C LEU A 157 17.55 11.06 -10.57
N GLN A 158 18.18 11.34 -9.45
CA GLN A 158 19.34 12.23 -9.44
C GLN A 158 20.55 11.64 -10.13
N GLY A 159 20.57 10.34 -10.41
CA GLY A 159 21.84 9.78 -10.84
C GLY A 159 22.90 10.00 -9.78
N THR A 160 22.52 9.85 -8.52
CA THR A 160 23.44 10.05 -7.40
C THR A 160 24.48 8.93 -7.29
N ILE A 161 24.44 7.92 -8.14
CA ILE A 161 25.26 6.73 -7.97
C ILE A 161 25.00 5.78 -9.12
N ASP A 162 25.90 4.82 -9.35
CA ASP A 162 25.78 3.86 -10.45
C ASP A 162 24.75 2.80 -10.07
N PHE A 163 23.58 2.87 -10.67
CA PHE A 163 22.59 1.82 -10.52
C PHE A 163 22.62 0.92 -11.75
N SER A 169 30.58 -10.38 -13.23
CA SER A 169 31.60 -11.11 -12.47
C SER A 169 31.77 -10.55 -11.06
N SER A 170 30.79 -9.77 -10.60
CA SER A 170 30.83 -9.19 -9.27
C SER A 170 29.40 -8.92 -8.82
N SER A 171 29.21 -8.90 -7.51
CA SER A 171 28.00 -8.41 -6.89
C SER A 171 28.24 -6.97 -6.45
N LYS A 172 27.14 -6.23 -6.33
CA LYS A 172 27.20 -4.82 -5.98
C LYS A 172 26.40 -4.58 -4.71
N VAL A 173 26.92 -3.71 -3.85
CA VAL A 173 26.20 -3.26 -2.67
C VAL A 173 26.17 -1.74 -2.72
N LEU A 174 25.01 -1.17 -2.46
CA LEU A 174 24.80 0.27 -2.53
C LEU A 174 24.67 0.84 -1.12
N LEU A 175 25.36 1.93 -0.88
CA LEU A 175 25.33 2.65 0.40
C LEU A 175 24.72 4.02 0.16
N LEU A 176 23.52 4.23 0.64
CA LEU A 176 22.87 5.51 0.53
C LEU A 176 22.71 6.14 1.90
N PRO A 177 22.75 7.47 2.01
CA PRO A 177 22.62 8.10 3.32
C PRO A 177 21.38 7.61 4.05
N CYS A 178 21.55 7.23 5.31
CA CYS A 178 20.45 6.90 6.21
C CYS A 178 19.73 5.60 5.85
N LEU A 179 20.30 4.77 4.99
CA LEU A 179 19.73 3.48 4.66
C LEU A 179 20.73 2.37 4.99
N PRO A 180 20.24 1.18 5.33
CA PRO A 180 21.15 0.07 5.48
C PRO A 180 21.77 -0.26 4.12
N PRO A 181 22.90 -0.94 4.10
CA PRO A 181 23.45 -1.39 2.82
C PRO A 181 22.40 -2.18 2.06
N LEU A 182 22.32 -1.94 0.75
CA LEU A 182 21.33 -2.59 -0.09
C LEU A 182 22.05 -3.52 -1.05
N GLU A 183 21.80 -4.82 -0.93
CA GLU A 183 22.27 -5.72 -1.96
C GLU A 183 21.56 -5.42 -3.27
N ASP A 184 22.06 -6.00 -4.35
CA ASP A 184 21.34 -5.97 -5.62
C ASP A 184 19.89 -6.45 -5.44
N ARG A 185 19.69 -7.63 -4.84
CA ARG A 185 18.33 -8.16 -4.65
C ARG A 185 17.46 -7.24 -3.81
N ASP A 186 18.04 -6.28 -3.10
CA ASP A 186 17.27 -5.40 -2.22
C ASP A 186 16.74 -4.18 -2.95
N LEU A 187 17.23 -3.92 -4.14
CA LEU A 187 16.82 -2.77 -4.89
C LEU A 187 15.41 -2.98 -5.43
N PRO A 188 14.68 -1.89 -5.70
CA PRO A 188 13.38 -2.05 -6.36
C PRO A 188 13.57 -2.74 -7.71
N GLU A 189 12.69 -3.68 -8.00
CA GLU A 189 12.84 -4.59 -9.14
C GLU A 189 12.05 -4.04 -10.34
N PHE A 190 12.77 -3.49 -11.31
CA PHE A 190 12.12 -3.07 -12.54
C PHE A 190 12.35 -4.01 -13.69
N ASP A 191 13.48 -4.74 -13.69
CA ASP A 191 13.81 -5.57 -14.85
C ASP A 191 12.73 -6.62 -15.12
N TYR A 192 11.98 -7.04 -14.09
CA TYR A 192 10.88 -7.99 -14.33
C TYR A 192 10.02 -7.60 -15.53
N PHE A 193 9.77 -6.29 -15.71
CA PHE A 193 8.88 -5.76 -16.75
C PHE A 193 9.53 -5.71 -18.14
N LYS A 194 10.78 -6.13 -18.26
CA LYS A 194 11.42 -6.40 -19.54
C LYS A 194 11.44 -5.14 -20.41
N GLU A 195 10.79 -5.13 -21.57
CA GLU A 195 10.79 -3.93 -22.39
C GLU A 195 10.08 -2.78 -21.71
N ASP A 196 9.24 -3.08 -20.71
CA ASP A 196 8.52 -2.04 -19.98
C ASP A 196 9.27 -1.54 -18.75
N SER A 197 10.44 -2.11 -18.44
CA SER A 197 11.17 -1.67 -17.25
C SER A 197 11.42 -0.18 -17.25
N GLY A 198 11.63 0.41 -18.43
CA GLY A 198 11.91 1.84 -18.49
C GLY A 198 10.69 2.67 -18.09
N PHE A 199 9.51 2.26 -18.56
CA PHE A 199 8.29 2.98 -18.21
C PHE A 199 8.04 2.92 -16.70
N VAL A 200 8.05 1.70 -16.14
CA VAL A 200 7.77 1.53 -14.72
C VAL A 200 8.80 2.31 -13.89
N SER A 201 10.08 2.19 -14.25
CA SER A 201 11.11 2.91 -13.53
C SER A 201 10.90 4.42 -13.64
N ASN A 202 10.69 4.93 -14.86
CA ASN A 202 10.33 6.34 -15.03
C ASN A 202 9.19 6.74 -14.10
N LEU A 203 8.14 5.93 -14.06
CA LEU A 203 6.95 6.30 -13.33
C LEU A 203 7.27 6.57 -11.85
N LEU A 204 8.17 5.77 -11.26
CA LEU A 204 8.44 5.86 -9.83
C LEU A 204 9.46 6.97 -9.53
N LEU A 205 10.48 7.14 -10.38
CA LEU A 205 11.43 8.21 -10.13
C LEU A 205 10.79 9.57 -10.35
N ASN A 206 9.88 9.66 -11.33
CA ASN A 206 9.27 10.95 -11.64
C ASN A 206 8.35 11.42 -10.53
N GLN A 207 8.11 10.59 -9.53
CA GLN A 207 7.47 11.08 -8.31
C GLN A 207 8.21 12.28 -7.74
N PHE A 208 9.45 12.52 -8.14
CA PHE A 208 10.24 13.59 -7.53
C PHE A 208 10.51 14.77 -8.46
N LEU A 209 10.01 14.73 -9.71
CA LEU A 209 10.30 15.81 -10.65
C LEU A 209 9.99 17.17 -10.07
N ASN A 210 8.98 17.28 -9.22
CA ASN A 210 8.55 18.60 -8.72
C ASN A 210 8.41 18.61 -7.20
N ILE A 211 9.23 17.84 -6.51
CA ILE A 211 9.11 17.68 -5.05
C ILE A 211 9.22 19.02 -4.33
N ASP A 212 10.17 19.85 -4.72
CA ASP A 212 10.32 21.17 -4.11
C ASP A 212 9.09 22.04 -4.28
N LYS A 213 8.18 21.69 -5.20
CA LYS A 213 7.04 22.54 -5.50
C LYS A 213 5.73 22.07 -4.86
N ILE A 214 5.67 20.82 -4.37
CA ILE A 214 4.44 20.26 -3.82
C ILE A 214 4.13 20.94 -2.49
N ASP A 215 2.85 21.30 -2.27
CA ASP A 215 2.48 22.05 -1.06
C ASP A 215 2.51 21.17 0.18
N TYR A 216 2.05 19.93 0.07
CA TYR A 216 2.15 18.95 1.15
C TYR A 216 2.63 17.63 0.56
N VAL A 217 3.63 17.03 1.18
CA VAL A 217 4.20 15.79 0.72
C VAL A 217 3.82 14.76 1.77
N LEU A 218 2.83 13.92 1.46
CA LEU A 218 2.30 12.99 2.45
C LEU A 218 2.86 11.60 2.24
N PHE A 219 3.21 10.93 3.33
CA PHE A 219 3.72 9.56 3.28
C PHE A 219 2.85 8.68 4.16
N ASN A 220 2.32 7.61 3.57
CA ASN A 220 1.64 6.56 4.33
C ASN A 220 2.70 5.72 5.04
N THR A 221 3.23 6.28 6.13
CA THR A 221 4.12 5.54 7.02
C THR A 221 4.16 6.27 8.35
N PHE A 222 4.79 5.66 9.35
CA PHE A 222 4.94 6.34 10.64
C PHE A 222 6.41 6.48 11.01
N GLU A 223 6.69 7.58 11.71
CA GLU A 223 8.06 8.06 11.92
C GLU A 223 8.98 7.00 12.55
N MET A 224 8.53 6.37 13.64
CA MET A 224 9.35 5.39 14.37
C MET A 224 9.75 4.21 13.48
N LEU A 225 8.94 3.90 12.47
CA LEU A 225 9.28 2.79 11.58
C LEU A 225 10.47 3.13 10.69
N GLU A 226 10.62 4.41 10.33
CA GLU A 226 11.64 4.88 9.38
C GLU A 226 12.30 6.15 9.89
N SER A 227 12.65 6.15 11.18
CA SER A 227 13.21 7.31 11.86
C SER A 227 14.28 8.01 11.03
N GLU A 228 15.41 7.32 10.78
CA GLU A 228 16.56 7.97 10.17
C GLU A 228 16.21 8.56 8.80
N ILE A 229 15.66 7.75 7.89
CA ILE A 229 15.42 8.24 6.53
C ILE A 229 14.29 9.25 6.53
N ALA A 230 13.30 9.11 7.41
CA ALA A 230 12.22 10.10 7.49
C ALA A 230 12.75 11.45 7.94
N ASN A 231 13.62 11.46 8.94
CA ASN A 231 14.23 12.72 9.35
C ASN A 231 15.12 13.29 8.25
N TRP A 232 15.90 12.43 7.58
CA TRP A 232 16.67 12.85 6.42
C TRP A 232 15.78 13.55 5.37
N MET A 233 14.67 12.93 4.98
CA MET A 233 13.79 13.61 4.03
C MET A 233 13.13 14.84 4.61
N SER A 234 12.98 14.90 5.94
CA SER A 234 12.32 16.08 6.52
C SER A 234 13.21 17.31 6.44
N ASN A 235 14.52 17.11 6.47
CA ASN A 235 15.48 18.20 6.30
C ASN A 235 15.65 18.61 4.86
N LYS A 236 15.17 17.84 3.89
CA LYS A 236 15.14 18.32 2.51
C LYS A 236 13.79 18.88 2.14
N TRP A 237 12.74 18.22 2.60
CA TRP A 237 11.36 18.50 2.23
C TRP A 237 10.52 18.38 3.49
N LYS A 238 9.56 19.27 3.69
CA LYS A 238 8.68 19.11 4.85
C LYS A 238 7.66 18.04 4.48
N ILE A 239 8.13 16.79 4.53
CA ILE A 239 7.26 15.63 4.35
C ILE A 239 6.48 15.43 5.64
N LEU A 240 5.27 14.95 5.49
CA LEU A 240 4.37 14.69 6.59
C LEU A 240 4.11 13.19 6.60
N THR A 241 4.66 12.48 7.58
CA THR A 241 4.33 11.07 7.71
C THR A 241 3.01 10.97 8.46
N ILE A 242 2.05 10.27 7.87
CA ILE A 242 0.67 10.29 8.32
C ILE A 242 0.05 8.90 8.43
N GLY A 243 0.81 7.84 8.18
CA GLY A 243 0.27 6.50 8.26
C GLY A 243 0.46 5.80 9.59
N PRO A 244 -0.08 4.58 9.68
CA PRO A 244 -0.92 3.99 8.62
C PRO A 244 -2.22 4.79 8.43
N THR A 245 -2.71 4.97 7.19
CA THR A 245 -3.99 5.64 7.01
C THR A 245 -5.16 4.74 7.39
N ALA A 246 -4.93 3.43 7.49
CA ALA A 246 -6.01 2.51 7.83
C ALA A 246 -6.35 2.60 9.31
N PRO A 247 -7.60 2.33 9.67
CA PRO A 247 -8.00 2.48 11.07
C PRO A 247 -7.36 1.41 11.96
N THR A 248 -7.17 1.75 13.22
CA THR A 248 -6.71 0.79 14.22
C THR A 248 -7.90 0.04 14.80
N ALA A 249 -7.61 -0.85 15.75
CA ALA A 249 -8.69 -1.56 16.47
C ALA A 249 -9.30 -0.68 17.57
N GLU A 261 -15.36 -4.88 2.08
CA GLU A 261 -14.59 -5.78 1.22
C GLU A 261 -15.38 -7.03 0.83
N THR A 262 -15.21 -7.49 -0.41
CA THR A 262 -15.89 -8.70 -0.86
C THR A 262 -15.51 -9.89 0.03
N ASN A 263 -16.50 -10.76 0.31
CA ASN A 263 -16.34 -12.04 1.01
C ASN A 263 -16.08 -11.87 2.51
N THR A 264 -16.44 -10.72 3.08
CA THR A 264 -16.19 -10.47 4.49
C THR A 264 -16.84 -11.54 5.37
N GLU A 265 -18.17 -11.65 5.30
CA GLU A 265 -18.88 -12.58 6.17
C GLU A 265 -18.35 -14.01 6.00
N VAL A 266 -18.03 -14.42 4.76
CA VAL A 266 -17.55 -15.79 4.52
C VAL A 266 -16.21 -16.02 5.23
N CYS A 267 -15.28 -15.09 5.08
CA CYS A 267 -13.94 -15.28 5.62
C CYS A 267 -13.95 -15.23 7.14
N MET A 268 -14.79 -14.37 7.72
CA MET A 268 -14.75 -14.26 9.16
C MET A 268 -15.44 -15.45 9.81
N LYS A 269 -16.52 -15.93 9.20
CA LYS A 269 -17.12 -17.18 9.65
C LYS A 269 -16.08 -18.29 9.69
N TRP A 270 -15.39 -18.53 8.58
CA TRP A 270 -14.37 -19.60 8.56
C TRP A 270 -13.26 -19.36 9.59
N LEU A 271 -12.76 -18.12 9.66
CA LEU A 271 -11.71 -17.85 10.64
C LEU A 271 -12.23 -18.00 12.06
N ASP A 272 -13.46 -17.53 12.32
CA ASP A 272 -14.03 -17.65 13.65
C ASP A 272 -14.00 -19.08 14.17
N GLU A 273 -14.02 -20.07 13.27
CA GLU A 273 -14.10 -21.48 13.65
C GLU A 273 -12.75 -22.18 13.65
N ARG A 274 -11.65 -21.45 13.45
CA ARG A 274 -10.30 -22.01 13.55
C ARG A 274 -9.70 -21.74 14.92
N GLU A 275 -8.72 -22.56 15.28
CA GLU A 275 -7.94 -22.36 16.49
C GLU A 275 -7.17 -21.04 16.44
N PRO A 276 -6.84 -20.46 17.60
CA PRO A 276 -6.01 -19.25 17.59
C PRO A 276 -4.63 -19.55 17.05
N ASN A 277 -4.05 -18.58 16.32
CA ASN A 277 -2.65 -18.68 15.92
C ASN A 277 -2.39 -19.96 15.15
N SER A 278 -3.34 -20.34 14.28
CA SER A 278 -3.29 -21.61 13.56
C SER A 278 -3.36 -21.47 12.04
N VAL A 279 -3.58 -20.27 11.52
CA VAL A 279 -3.86 -20.06 10.10
C VAL A 279 -2.69 -19.35 9.44
N ILE A 280 -2.23 -19.89 8.31
CA ILE A 280 -1.33 -19.17 7.43
C ILE A 280 -2.18 -18.42 6.42
N TYR A 281 -2.12 -17.09 6.46
CA TYR A 281 -2.79 -16.23 5.48
C TYR A 281 -1.87 -15.95 4.30
N VAL A 282 -2.35 -16.22 3.09
CA VAL A 282 -1.55 -16.16 1.86
C VAL A 282 -2.24 -15.23 0.87
N SER A 283 -1.52 -14.19 0.45
CA SER A 283 -2.02 -13.25 -0.54
C SER A 283 -0.86 -12.60 -1.26
N PHE A 284 -1.00 -12.45 -2.56
CA PHE A 284 0.04 -11.82 -3.37
C PHE A 284 -0.46 -10.54 -3.99
N GLY A 285 -1.45 -9.92 -3.36
CA GLY A 285 -1.92 -8.62 -3.78
C GLY A 285 -2.96 -8.72 -4.88
N SER A 286 -3.06 -7.62 -5.63
CA SER A 286 -4.13 -7.41 -6.58
C SER A 286 -3.64 -7.39 -8.02
N ILE A 287 -2.33 -7.46 -8.24
CA ILE A 287 -1.73 -7.41 -9.57
C ILE A 287 -0.87 -8.65 -9.83
N ALA A 288 0.05 -8.95 -8.91
CA ALA A 288 0.98 -10.05 -9.10
C ALA A 288 0.24 -11.33 -9.53
N SER A 289 0.88 -12.12 -10.38
CA SER A 289 0.33 -13.42 -10.77
C SER A 289 1.47 -14.41 -10.98
N LEU A 290 1.57 -15.39 -10.09
CA LEU A 290 2.66 -16.35 -10.14
C LEU A 290 2.47 -17.34 -11.30
N THR A 291 3.55 -18.05 -11.64
CA THR A 291 3.47 -19.01 -12.75
C THR A 291 2.84 -20.31 -12.26
N GLU A 292 2.24 -21.04 -13.21
CA GLU A 292 1.72 -22.38 -12.94
C GLU A 292 2.65 -23.16 -12.00
N GLN A 293 3.95 -23.25 -12.35
CA GLN A 293 4.91 -23.99 -11.52
C GLN A 293 5.00 -23.40 -10.12
N GLN A 294 5.09 -22.08 -10.00
CA GLN A 294 5.17 -21.46 -8.68
C GLN A 294 3.88 -21.71 -7.89
N MET A 295 2.73 -21.62 -8.54
CA MET A 295 1.46 -21.94 -7.90
C MET A 295 1.49 -23.33 -7.29
N GLU A 296 2.16 -24.28 -7.95
CA GLU A 296 2.19 -25.65 -7.49
C GLU A 296 3.13 -25.81 -6.29
N GLU A 297 4.26 -25.13 -6.33
CA GLU A 297 5.16 -25.16 -5.18
C GLU A 297 4.42 -24.73 -3.91
N ILE A 298 3.70 -23.60 -3.99
CA ILE A 298 2.97 -23.09 -2.84
C ILE A 298 1.91 -24.10 -2.42
N SER A 299 1.18 -24.65 -3.40
CA SER A 299 0.08 -25.56 -3.11
C SER A 299 0.55 -26.74 -2.28
N GLN A 300 1.65 -27.36 -2.70
CA GLN A 300 2.16 -28.54 -2.02
C GLN A 300 2.67 -28.18 -0.64
N ALA A 301 3.28 -27.01 -0.48
CA ALA A 301 3.71 -26.60 0.85
C ALA A 301 2.52 -26.43 1.78
N LEU A 302 1.46 -25.76 1.29
CA LEU A 302 0.30 -25.52 2.14
C LEU A 302 -0.52 -26.78 2.37
N PHE A 303 -0.59 -27.68 1.41
CA PHE A 303 -1.40 -28.85 1.71
C PHE A 303 -0.71 -29.85 2.62
N THR A 304 0.59 -29.68 2.91
CA THR A 304 1.29 -30.58 3.81
C THR A 304 1.73 -29.89 5.10
N THR A 305 1.35 -28.65 5.31
CA THR A 305 1.86 -27.97 6.48
C THR A 305 1.01 -28.28 7.71
N ASN A 306 1.57 -28.01 8.88
CA ASN A 306 0.91 -28.23 10.15
C ASN A 306 -0.09 -27.15 10.52
N PHE A 307 -0.48 -26.30 9.58
CA PHE A 307 -1.30 -25.15 9.87
C PHE A 307 -2.50 -25.17 8.95
N ASN A 308 -3.54 -24.45 9.36
CA ASN A 308 -4.63 -24.14 8.45
C ASN A 308 -4.14 -23.12 7.43
N PHE A 309 -4.92 -22.92 6.37
CA PHE A 309 -4.50 -21.87 5.46
C PHE A 309 -5.68 -21.20 4.78
N LEU A 310 -5.52 -19.89 4.57
CA LEU A 310 -6.48 -19.06 3.86
C LEU A 310 -5.68 -18.37 2.76
N TRP A 311 -5.91 -18.79 1.51
CA TRP A 311 -5.10 -18.41 0.36
C TRP A 311 -5.97 -17.65 -0.61
N VAL A 312 -5.69 -16.37 -0.78
CA VAL A 312 -6.40 -15.58 -1.78
C VAL A 312 -5.83 -15.92 -3.14
N VAL A 313 -6.70 -16.38 -4.04
CA VAL A 313 -6.36 -16.65 -5.43
C VAL A 313 -7.41 -15.93 -6.27
N ARG A 314 -7.01 -14.81 -6.89
CA ARG A 314 -7.91 -14.00 -7.68
C ARG A 314 -8.61 -14.82 -8.75
N GLU A 315 -9.84 -14.40 -9.08
CA GLU A 315 -10.65 -15.10 -10.08
C GLU A 315 -9.85 -15.40 -11.34
N GLU A 316 -9.24 -14.39 -11.94
CA GLU A 316 -8.49 -14.61 -13.17
C GLU A 316 -7.32 -15.57 -12.98
N GLU A 317 -6.75 -15.66 -11.78
CA GLU A 317 -5.61 -16.55 -11.55
C GLU A 317 -6.00 -18.01 -11.34
N ARG A 318 -7.28 -18.32 -11.08
CA ARG A 318 -7.65 -19.66 -10.62
C ARG A 318 -7.14 -20.74 -11.56
N THR A 319 -7.17 -20.49 -12.87
CA THR A 319 -6.78 -21.53 -13.82
C THR A 319 -5.29 -21.87 -13.73
N LYS A 320 -4.48 -21.06 -13.06
CA LYS A 320 -3.09 -21.40 -12.87
C LYS A 320 -2.87 -22.35 -11.70
N LEU A 321 -3.92 -22.79 -11.02
CA LEU A 321 -3.70 -23.70 -9.90
C LEU A 321 -3.41 -25.10 -10.42
N PRO A 322 -2.65 -25.89 -9.66
CA PRO A 322 -2.57 -27.33 -9.99
C PRO A 322 -3.92 -27.91 -10.35
N ASN A 323 -3.95 -28.70 -11.41
CA ASN A 323 -5.22 -29.27 -11.87
C ASN A 323 -5.91 -30.05 -10.77
N CYS A 324 -5.13 -30.65 -9.87
CA CYS A 324 -5.71 -31.50 -8.84
C CYS A 324 -6.74 -30.78 -7.98
N LEU A 325 -6.81 -29.45 -8.04
CA LEU A 325 -7.88 -28.71 -7.39
C LEU A 325 -8.97 -28.33 -8.39
N PRO A 335 -15.70 -20.28 -9.91
CA PRO A 335 -15.67 -20.79 -8.54
C PRO A 335 -15.13 -19.75 -7.55
N SER A 336 -15.98 -19.33 -6.60
CA SER A 336 -15.65 -18.20 -5.73
C SER A 336 -14.87 -18.59 -4.48
N SER A 337 -14.97 -19.84 -4.05
CA SER A 337 -14.14 -20.31 -2.95
C SER A 337 -14.11 -21.83 -2.99
N GLU A 338 -13.16 -22.41 -2.25
CA GLU A 338 -13.00 -23.85 -2.16
C GLU A 338 -12.45 -24.22 -0.79
N SER A 339 -13.04 -25.26 -0.21
CA SER A 339 -12.70 -25.72 1.12
C SER A 339 -11.97 -27.06 0.99
N PHE A 340 -10.99 -27.28 1.85
CA PHE A 340 -10.11 -28.45 1.77
C PHE A 340 -9.86 -29.01 3.14
N THR A 341 -9.60 -30.30 3.18
CA THR A 341 -8.89 -30.90 4.32
C THR A 341 -7.51 -31.29 3.81
N THR A 342 -6.48 -30.68 4.39
CA THR A 342 -5.13 -30.86 3.88
C THR A 342 -4.58 -32.22 4.26
N ALA A 343 -3.48 -32.61 3.59
CA ALA A 343 -2.92 -33.94 3.85
C ALA A 343 -2.44 -34.08 5.28
N ALA A 344 -2.25 -32.95 5.97
CA ALA A 344 -1.95 -32.96 7.39
C ALA A 344 -3.20 -33.02 8.27
N GLY A 345 -4.38 -33.19 7.68
CA GLY A 345 -5.61 -33.11 8.46
C GLY A 345 -6.01 -31.71 8.90
N LYS A 346 -5.38 -30.67 8.36
CA LYS A 346 -5.74 -29.30 8.67
C LYS A 346 -6.80 -28.83 7.68
N LEU A 347 -7.17 -27.56 7.75
CA LEU A 347 -8.25 -27.03 6.92
C LEU A 347 -7.75 -25.84 6.10
N GLY A 348 -8.21 -25.79 4.86
CA GLY A 348 -7.79 -24.73 3.95
C GLY A 348 -8.95 -24.13 3.19
N LEU A 349 -8.86 -22.82 2.93
CA LEU A 349 -9.88 -22.12 2.20
C LEU A 349 -9.20 -21.27 1.12
N ILE A 350 -9.51 -21.58 -0.14
CA ILE A 350 -9.10 -20.79 -1.28
C ILE A 350 -10.25 -19.89 -1.71
N ILE A 351 -9.98 -18.59 -1.81
CA ILE A 351 -11.02 -17.61 -2.04
C ILE A 351 -10.47 -16.53 -2.95
N ASN A 352 -11.35 -15.86 -3.69
CA ASN A 352 -10.85 -14.96 -4.73
C ASN A 352 -10.65 -13.55 -4.23
N TRP A 353 -11.06 -13.26 -2.99
CA TRP A 353 -10.86 -11.95 -2.38
C TRP A 353 -11.37 -11.97 -0.95
N CYS A 354 -10.72 -11.23 -0.06
CA CYS A 354 -11.10 -11.25 1.34
C CYS A 354 -10.97 -9.84 1.91
N PRO A 355 -11.51 -9.59 3.10
CA PRO A 355 -11.19 -8.32 3.79
C PRO A 355 -9.83 -8.45 4.47
N GLN A 356 -8.76 -8.05 3.78
CA GLN A 356 -7.43 -8.43 4.24
C GLN A 356 -7.13 -7.88 5.63
N LEU A 357 -7.44 -6.60 5.87
CA LEU A 357 -7.16 -5.99 7.15
C LEU A 357 -7.79 -6.75 8.30
N ASP A 358 -9.05 -7.18 8.13
CA ASP A 358 -9.75 -7.92 9.18
C ASP A 358 -9.19 -9.34 9.34
N VAL A 359 -8.80 -9.97 8.23
CA VAL A 359 -8.10 -11.25 8.33
C VAL A 359 -6.84 -11.07 9.17
N LEU A 360 -6.05 -10.05 8.83
CA LEU A 360 -4.77 -9.83 9.52
C LEU A 360 -4.96 -9.60 11.02
N ARG A 361 -6.10 -9.04 11.42
CA ARG A 361 -6.37 -8.79 12.82
C ARG A 361 -7.14 -9.90 13.51
N HIS A 362 -7.52 -10.96 12.78
CA HIS A 362 -8.16 -12.12 13.39
C HIS A 362 -7.17 -12.94 14.21
N GLU A 363 -7.57 -13.31 15.43
CA GLU A 363 -6.69 -14.02 16.34
C GLU A 363 -6.23 -15.36 15.75
N SER A 364 -6.92 -15.84 14.72
CA SER A 364 -6.62 -17.13 14.12
C SER A 364 -5.42 -17.10 13.21
N VAL A 365 -4.95 -15.91 12.82
CA VAL A 365 -3.86 -15.84 11.85
C VAL A 365 -2.53 -16.01 12.57
N ALA A 366 -1.73 -16.96 12.10
CA ALA A 366 -0.39 -17.18 12.60
C ALA A 366 0.61 -16.26 11.90
N CYS A 367 0.56 -16.20 10.56
CA CYS A 367 1.52 -15.41 9.82
C CYS A 367 0.97 -15.10 8.44
N PHE A 368 1.67 -14.21 7.77
CA PHE A 368 1.27 -13.63 6.50
C PHE A 368 2.34 -14.03 5.48
N MET A 369 1.94 -14.86 4.51
CA MET A 369 2.77 -15.11 3.32
C MET A 369 2.34 -14.09 2.28
N THR A 370 3.21 -13.12 2.01
CA THR A 370 2.81 -11.95 1.24
C THR A 370 3.85 -11.65 0.18
N HIS A 371 3.39 -10.98 -0.88
CA HIS A 371 4.27 -10.45 -1.91
C HIS A 371 4.95 -9.16 -1.47
N CYS A 372 4.60 -8.63 -0.28
CA CYS A 372 5.24 -7.46 0.33
C CYS A 372 4.93 -6.14 -0.39
N GLY A 373 3.80 -6.02 -1.08
CA GLY A 373 3.34 -4.68 -1.42
C GLY A 373 3.25 -3.86 -0.16
N TRP A 374 3.40 -2.52 -0.30
CA TRP A 374 3.55 -1.72 0.92
C TRP A 374 2.27 -1.67 1.73
N ASN A 375 1.11 -1.67 1.09
CA ASN A 375 -0.12 -1.71 1.87
C ASN A 375 -0.21 -3.00 2.68
N SER A 376 0.00 -4.15 2.03
CA SER A 376 0.02 -5.43 2.75
C SER A 376 1.05 -5.41 3.89
N THR A 377 2.25 -4.90 3.62
CA THR A 377 3.29 -4.87 4.66
C THR A 377 2.87 -4.01 5.83
N LEU A 378 2.36 -2.81 5.57
CA LEU A 378 1.94 -1.91 6.64
C LEU A 378 0.69 -2.40 7.36
N GLU A 379 -0.25 -3.04 6.63
CA GLU A 379 -1.39 -3.61 7.32
C GLU A 379 -0.96 -4.69 8.31
N ALA A 380 -0.04 -5.56 7.89
CA ALA A 380 0.47 -6.60 8.78
C ALA A 380 1.21 -6.00 9.96
N ILE A 381 2.08 -5.01 9.70
CA ILE A 381 2.74 -4.28 10.79
C ILE A 381 1.71 -3.82 11.80
N SER A 382 0.67 -3.12 11.33
CA SER A 382 -0.34 -2.56 12.22
C SER A 382 -1.23 -3.62 12.83
N SER A 383 -1.02 -4.88 12.46
CA SER A 383 -1.77 -5.96 13.02
C SER A 383 -0.91 -6.91 13.83
N GLY A 384 0.41 -6.73 13.82
CA GLY A 384 1.30 -7.59 14.58
C GLY A 384 1.45 -8.99 14.02
N VAL A 385 1.36 -9.14 12.70
CA VAL A 385 1.41 -10.45 12.07
C VAL A 385 2.78 -10.64 11.44
N PRO A 386 3.57 -11.61 11.90
CA PRO A 386 4.86 -11.88 11.26
C PRO A 386 4.65 -12.43 9.85
N MET A 387 5.72 -12.41 9.05
CA MET A 387 5.55 -12.46 7.60
C MET A 387 6.52 -13.43 6.92
N ILE A 388 6.03 -14.10 5.88
CA ILE A 388 6.89 -14.83 4.96
C ILE A 388 6.93 -14.01 3.67
N CYS A 389 8.13 -13.65 3.23
CA CYS A 389 8.30 -12.65 2.19
C CYS A 389 8.58 -13.31 0.86
N VAL A 390 7.65 -13.17 -0.08
CA VAL A 390 7.85 -13.63 -1.44
C VAL A 390 7.74 -12.45 -2.38
N PRO A 391 8.71 -11.53 -2.37
CA PRO A 391 8.59 -10.30 -3.16
C PRO A 391 8.59 -10.59 -4.65
N GLN A 392 7.87 -9.76 -5.40
CA GLN A 392 7.73 -9.93 -6.85
C GLN A 392 8.36 -8.80 -7.64
N TRP A 393 8.01 -7.52 -7.41
CA TRP A 393 8.71 -6.50 -8.19
C TRP A 393 8.53 -5.11 -7.58
N VAL A 394 9.08 -4.12 -8.29
CA VAL A 394 9.14 -2.73 -7.87
C VAL A 394 9.63 -2.68 -6.42
N ASP A 395 8.82 -2.09 -5.52
CA ASP A 395 9.22 -1.89 -4.13
C ASP A 395 9.08 -3.11 -3.24
N GLN A 396 8.43 -4.19 -3.70
CA GLN A 396 8.33 -5.38 -2.86
C GLN A 396 9.68 -5.93 -2.42
N THR A 397 10.71 -5.83 -3.28
CA THR A 397 11.99 -6.43 -2.90
C THR A 397 12.62 -5.65 -1.75
N THR A 398 12.53 -4.32 -1.82
CA THR A 398 13.08 -3.47 -0.76
C THR A 398 12.28 -3.60 0.54
N ASN A 399 10.96 -3.69 0.43
CA ASN A 399 10.15 -3.92 1.64
C ASN A 399 10.58 -5.23 2.32
N ALA A 400 10.81 -6.28 1.53
CA ALA A 400 11.28 -7.55 2.08
C ALA A 400 12.56 -7.37 2.86
N LYS A 401 13.54 -6.68 2.26
CA LYS A 401 14.77 -6.35 2.95
C LYS A 401 14.49 -5.78 4.32
N PHE A 402 13.57 -4.80 4.39
CA PHE A 402 13.35 -4.13 5.67
C PHE A 402 12.59 -5.01 6.64
N ILE A 403 11.61 -5.78 6.13
CA ILE A 403 10.84 -6.67 7.00
C ILE A 403 11.76 -7.65 7.73
N GLN A 404 12.69 -8.28 7.02
CA GLN A 404 13.51 -9.30 7.65
C GLN A 404 14.74 -8.76 8.39
N ASP A 405 15.41 -7.74 7.85
CA ASP A 405 16.69 -7.32 8.38
C ASP A 405 16.65 -6.04 9.21
N VAL A 406 15.65 -5.19 9.04
CA VAL A 406 15.57 -3.93 9.79
C VAL A 406 14.49 -3.99 10.86
N TRP A 407 13.25 -4.20 10.47
CA TRP A 407 12.18 -4.34 11.44
C TRP A 407 12.16 -5.71 12.12
N LYS A 408 12.78 -6.73 11.50
CA LYS A 408 12.91 -8.07 12.09
C LYS A 408 11.54 -8.66 12.44
N ILE A 409 10.65 -8.68 11.46
CA ILE A 409 9.31 -9.20 11.72
C ILE A 409 8.94 -10.24 10.66
N GLY A 410 9.95 -10.80 9.99
CA GLY A 410 9.67 -11.84 9.01
C GLY A 410 10.92 -12.35 8.33
N VAL A 411 10.71 -13.35 7.47
CA VAL A 411 11.76 -14.02 6.73
C VAL A 411 11.45 -13.92 5.24
N ARG A 412 12.49 -13.74 4.42
CA ARG A 412 12.33 -13.70 2.97
C ARG A 412 12.73 -15.06 2.39
N VAL A 413 11.92 -15.56 1.45
CA VAL A 413 12.29 -16.81 0.80
C VAL A 413 13.48 -16.57 -0.12
N ASN A 414 14.21 -17.65 -0.38
CA ASN A 414 15.31 -17.64 -1.33
C ASN A 414 14.88 -18.34 -2.61
N ASN A 415 15.22 -17.73 -3.74
CA ASN A 415 14.88 -18.22 -5.06
C ASN A 415 15.70 -19.46 -5.42
N GLY A 422 12.75 -16.95 -11.08
CA GLY A 422 13.39 -17.44 -9.86
C GLY A 422 12.43 -18.25 -9.02
N LEU A 423 12.43 -19.56 -9.20
CA LEU A 423 11.41 -20.38 -8.56
C LEU A 423 11.69 -20.56 -7.07
N VAL A 424 10.61 -20.61 -6.29
CA VAL A 424 10.70 -20.85 -4.85
C VAL A 424 10.09 -22.22 -4.57
N LYS A 425 10.92 -23.14 -4.09
CA LYS A 425 10.53 -24.54 -4.02
C LYS A 425 9.70 -24.82 -2.78
N LYS A 426 8.81 -25.80 -2.90
CA LYS A 426 8.02 -26.18 -1.74
C LYS A 426 8.91 -26.27 -0.50
N GLU A 427 10.09 -26.89 -0.66
CA GLU A 427 10.95 -27.09 0.51
C GLU A 427 11.35 -25.76 1.14
N GLU A 428 11.62 -24.75 0.31
CA GLU A 428 12.03 -23.44 0.83
C GLU A 428 10.85 -22.74 1.50
N ILE A 429 9.64 -22.90 0.95
CA ILE A 429 8.47 -22.34 1.62
C ILE A 429 8.29 -23.00 2.98
N GLU A 430 8.42 -24.33 3.05
CA GLU A 430 8.22 -25.06 4.29
C GLU A 430 9.26 -24.68 5.33
N ARG A 431 10.52 -24.52 4.91
CA ARG A 431 11.55 -24.00 5.81
C ARG A 431 11.12 -22.68 6.46
N CYS A 432 10.57 -21.76 5.66
CA CYS A 432 10.22 -20.44 6.17
C CYS A 432 8.99 -20.50 7.08
N ILE A 433 8.06 -21.40 6.79
CA ILE A 433 6.93 -21.62 7.70
C ILE A 433 7.44 -22.15 9.02
N LYS A 434 8.32 -23.17 8.98
CA LYS A 434 8.92 -23.67 10.20
C LYS A 434 9.63 -22.57 10.96
N GLU A 435 10.38 -21.73 10.25
CA GLU A 435 11.09 -20.65 10.91
C GLU A 435 10.12 -19.73 11.64
N VAL A 436 9.06 -19.31 10.97
CA VAL A 436 8.23 -18.24 11.51
C VAL A 436 7.18 -18.78 12.48
N CYS A 437 6.75 -20.02 12.32
CA CYS A 437 5.64 -20.54 13.09
C CYS A 437 6.00 -21.70 14.00
N GLU A 438 7.21 -22.24 13.91
CA GLU A 438 7.55 -23.46 14.63
C GLU A 438 8.97 -23.37 15.16
N SER A 439 9.31 -22.23 15.77
CA SER A 439 10.70 -22.08 16.17
C SER A 439 10.80 -20.93 17.13
N GLU A 440 11.86 -20.95 17.93
CA GLU A 440 12.06 -19.86 18.88
C GLU A 440 12.29 -18.55 18.16
N LYS A 441 12.99 -18.60 17.01
CA LYS A 441 13.08 -17.42 16.15
C LYS A 441 11.69 -16.88 15.81
N GLY A 442 10.82 -17.75 15.30
CA GLY A 442 9.45 -17.32 15.02
C GLY A 442 8.84 -16.58 16.20
N LYS A 443 9.14 -17.04 17.41
CA LYS A 443 8.55 -16.41 18.58
C LYS A 443 9.08 -14.99 18.77
N GLU A 444 10.37 -14.76 18.50
CA GLU A 444 10.91 -13.41 18.60
C GLU A 444 10.34 -12.52 17.51
N LEU A 445 10.24 -13.06 16.29
CA LEU A 445 9.58 -12.34 15.21
C LEU A 445 8.20 -11.89 15.63
N LYS A 446 7.41 -12.76 16.28
CA LYS A 446 6.06 -12.35 16.66
C LYS A 446 6.10 -11.27 17.73
N ARG A 447 7.05 -11.35 18.67
CA ARG A 447 7.23 -10.27 19.64
C ARG A 447 7.57 -8.96 18.91
N ASN A 448 8.55 -9.01 18.00
CA ASN A 448 8.91 -7.83 17.22
C ASN A 448 7.69 -7.20 16.58
N ALA A 449 6.79 -8.02 16.04
CA ALA A 449 5.63 -7.50 15.32
C ALA A 449 4.62 -6.86 16.27
N MET A 450 4.48 -7.41 17.48
CA MET A 450 3.59 -6.80 18.45
C MET A 450 4.15 -5.47 18.97
N LYS A 451 5.47 -5.33 19.05
CA LYS A 451 6.05 -4.04 19.37
C LYS A 451 5.80 -3.02 18.26
N TRP A 452 6.00 -3.43 17.00
CA TRP A 452 5.77 -2.49 15.90
C TRP A 452 4.30 -2.13 15.79
N LYS A 453 3.42 -3.10 16.06
CA LYS A 453 1.99 -2.81 16.05
C LYS A 453 1.63 -1.78 17.11
N ASP A 454 2.17 -1.92 18.32
CA ASP A 454 1.86 -0.94 19.35
C ASP A 454 2.39 0.43 18.95
N LEU A 455 3.65 0.48 18.51
CA LEU A 455 4.19 1.76 18.03
C LEU A 455 3.31 2.31 16.90
N SER A 456 2.82 1.45 16.04
CA SER A 456 1.98 1.92 14.95
C SER A 456 0.68 2.52 15.48
N LYS A 457 0.06 1.88 16.48
CA LYS A 457 -1.17 2.42 17.06
C LYS A 457 -0.89 3.72 17.80
N GLU A 458 0.27 3.82 18.46
CA GLU A 458 0.65 5.07 19.11
C GLU A 458 0.76 6.20 18.11
N ALA A 459 1.23 5.92 16.89
CA ALA A 459 1.53 7.01 15.96
C ALA A 459 0.27 7.74 15.54
N VAL A 460 -0.83 7.01 15.28
CA VAL A 460 -2.06 7.61 14.78
C VAL A 460 -3.04 7.95 15.89
N SER A 461 -2.67 7.74 17.15
CA SER A 461 -3.47 8.19 18.28
C SER A 461 -3.02 9.57 18.74
N GLU A 462 -3.87 10.20 19.55
CA GLU A 462 -3.68 11.58 19.97
C GLU A 462 -2.26 11.80 20.47
N GLY A 463 -1.59 12.79 19.89
CA GLY A 463 -0.21 13.05 20.20
C GLY A 463 0.76 12.15 19.49
N GLY A 464 0.27 11.19 18.71
CA GLY A 464 1.16 10.43 17.87
C GLY A 464 1.75 11.28 16.75
N SER A 465 2.91 10.85 16.28
CA SER A 465 3.60 11.58 15.23
C SER A 465 2.76 11.69 13.98
N SER A 466 2.00 10.65 13.65
CA SER A 466 1.14 10.73 12.49
C SER A 466 -0.08 11.58 12.79
N ASP A 467 -0.62 11.48 13.99
CA ASP A 467 -1.75 12.34 14.35
C ASP A 467 -1.33 13.81 14.31
N THR A 468 -0.10 14.11 14.73
CA THR A 468 0.40 15.49 14.68
C THR A 468 0.51 15.98 13.25
N ASN A 469 1.10 15.16 12.37
CA ASN A 469 1.33 15.60 11.00
C ASN A 469 0.02 15.80 10.23
N LEU A 470 -0.95 14.90 10.43
CA LEU A 470 -2.23 15.05 9.77
C LEU A 470 -3.00 16.27 10.30
N GLU A 471 -2.91 16.52 11.61
CA GLU A 471 -3.43 17.76 12.17
C GLU A 471 -2.68 18.99 11.63
N TYR A 472 -1.38 18.87 11.35
CA TYR A 472 -0.70 20.01 10.76
C TYR A 472 -1.22 20.26 9.36
N PHE A 473 -1.42 19.19 8.59
CA PHE A 473 -2.07 19.30 7.29
C PHE A 473 -3.42 20.01 7.39
N ALA A 474 -4.32 19.49 8.24
CA ALA A 474 -5.69 19.98 8.31
C ALA A 474 -5.76 21.40 8.86
N SER A 475 -4.99 21.69 9.92
CA SER A 475 -5.02 23.02 10.51
C SER A 475 -4.52 24.07 9.53
N THR A 476 -3.40 23.81 8.87
CA THR A 476 -2.91 24.82 7.94
C THR A 476 -3.85 25.00 6.77
N LEU A 477 -4.58 23.94 6.38
CA LEU A 477 -5.55 24.10 5.31
C LEU A 477 -6.50 25.25 5.62
N LEU A 478 -6.78 25.49 6.90
CA LEU A 478 -7.70 26.55 7.27
C LEU A 478 -7.08 27.93 7.27
N PHE A 479 -5.75 28.05 7.26
CA PHE A 479 -5.14 29.36 7.46
C PHE A 479 -5.49 30.30 6.31
N TYR A 480 -5.69 31.57 6.68
CA TYR A 480 -5.68 32.72 5.78
C TYR A 480 -4.24 33.05 5.39
#